data_5VO4
#
_entry.id   5VO4
#
_cell.length_a   55.123
_cell.length_b   66.136
_cell.length_c   70.183
_cell.angle_alpha   90.00
_cell.angle_beta   90.00
_cell.angle_gamma   90.00
#
_symmetry.space_group_name_H-M   'P 21 21 21'
#
loop_
_entity.id
_entity.type
_entity.pdbx_description
1 polymer 'Androgen receptor'
2 non-polymer 5-(2-fluoro-4-hydroxyphenyl)-1-methyl-1H-pyrrole-2-carbonitrile
3 water water
#
_entity_poly.entity_id   1
_entity_poly.type   'polypeptide(L)'
_entity_poly.pdbx_seq_one_letter_code
;QPIFLNVLEAIEPGVVCAGHDNNQPDSFAALLSSLNELGERQLVHVVKWAKALPGFRNLHVDDQMAVIQYSWMGLMVFAM
GWRSFTNVNSRMLYFAPDLVFNEYRMHKSRMYSQCVRMRHLSQEFGWLQITPQEFLCMKALLLFSIIPVDGLKNQKFFDE
LRMNYIKELDRIIACKRKNPTSCSRRFYQLTKLLDSVQPIARELHQFTFDLLIKSHMVSVDFPEMMAEIISVQVPKILSG
KVKPIYFHTQ
;
_entity_poly.pdbx_strand_id   A
#
loop_
_chem_comp.id
_chem_comp.type
_chem_comp.name
_chem_comp.formula
9FG non-polymer 5-(2-fluoro-4-hydroxyphenyl)-1-methyl-1H-pyrrole-2-carbonitrile 'C12 H9 F N2 O'
#
# COMPACT_ATOMS: atom_id res chain seq x y z
N GLN A 1 -14.89 5.14 -25.46
CA GLN A 1 -14.64 6.00 -24.27
C GLN A 1 -14.05 5.19 -23.11
N PRO A 2 -12.89 5.63 -22.57
CA PRO A 2 -12.22 4.90 -21.48
C PRO A 2 -12.76 5.33 -20.12
N ILE A 3 -14.01 5.00 -19.86
CA ILE A 3 -14.75 5.44 -18.66
C ILE A 3 -14.03 5.07 -17.36
N PHE A 4 -13.59 3.82 -17.27
CA PHE A 4 -12.99 3.29 -16.06
C PHE A 4 -11.65 3.95 -15.74
N LEU A 5 -10.82 4.13 -16.77
CA LEU A 5 -9.50 4.73 -16.60
C LEU A 5 -9.59 6.22 -16.28
N ASN A 6 -10.58 6.88 -16.87
CA ASN A 6 -10.90 8.27 -16.54
C ASN A 6 -11.16 8.46 -15.06
N VAL A 7 -11.97 7.57 -14.48
CA VAL A 7 -12.29 7.66 -13.06
C VAL A 7 -11.05 7.50 -12.19
N LEU A 8 -10.21 6.51 -12.49
CA LEU A 8 -9.00 6.26 -11.70
C LEU A 8 -8.02 7.43 -11.71
N GLU A 9 -7.77 7.98 -12.90
CA GLU A 9 -6.88 9.13 -13.04
C GLU A 9 -7.42 10.33 -12.29
N ALA A 10 -8.73 10.56 -12.43
CA ALA A 10 -9.44 11.69 -11.81
C ALA A 10 -9.46 11.65 -10.28
N ILE A 11 -9.56 10.45 -9.70
CA ILE A 11 -9.62 10.30 -8.23
C ILE A 11 -8.26 10.07 -7.57
N GLU A 12 -7.20 10.12 -8.37
CA GLU A 12 -5.87 9.79 -7.87
C GLU A 12 -5.34 10.90 -6.97
N PRO A 13 -4.97 10.55 -5.71
CA PRO A 13 -4.51 11.49 -4.70
C PRO A 13 -3.29 12.27 -5.14
N GLY A 14 -3.29 13.58 -4.88
CA GLY A 14 -2.10 14.39 -5.12
C GLY A 14 -1.03 14.20 -4.04
N VAL A 15 -0.12 15.17 -3.96
CA VAL A 15 1.06 15.10 -3.10
C VAL A 15 0.66 15.21 -1.64
N VAL A 16 1.26 14.35 -0.81
CA VAL A 16 1.04 14.38 0.64
C VAL A 16 2.41 14.52 1.31
N CYS A 17 2.57 15.57 2.09
CA CYS A 17 3.82 15.80 2.83
C CYS A 17 3.70 15.22 4.21
N ALA A 18 4.84 14.89 4.81
CA ALA A 18 4.89 14.23 6.10
C ALA A 18 5.08 15.21 7.26
N GLY A 19 5.48 16.43 6.94
CA GLY A 19 5.77 17.46 7.93
C GLY A 19 7.07 17.21 8.69
N HIS A 20 8.01 16.51 8.07
CA HIS A 20 9.28 16.19 8.71
C HIS A 20 10.21 17.40 8.71
N ASP A 21 10.92 17.60 9.83
CA ASP A 21 11.92 18.64 9.92
C ASP A 21 13.26 18.12 9.41
N ASN A 22 13.62 18.55 8.20
CA ASN A 22 14.85 18.13 7.55
C ASN A 22 16.09 18.94 7.95
N ASN A 23 15.90 19.95 8.78
CA ASN A 23 17.01 20.73 9.31
C ASN A 23 17.61 20.12 10.58
N GLN A 24 16.83 19.33 11.31
CA GLN A 24 17.33 18.62 12.48
C GLN A 24 18.00 17.31 12.07
N PRO A 25 19.20 17.03 12.62
CA PRO A 25 19.88 15.75 12.41
C PRO A 25 18.95 14.56 12.57
N ASP A 26 19.14 13.53 11.74
CA ASP A 26 18.32 12.32 11.77
C ASP A 26 18.38 11.60 13.11
N SER A 27 17.22 11.25 13.64
CA SER A 27 17.11 10.35 14.80
C SER A 27 16.02 9.34 14.51
N PHE A 28 16.15 8.15 15.08
CA PHE A 28 15.16 7.09 14.91
C PHE A 28 13.74 7.56 15.28
N ALA A 29 13.62 8.23 16.43
CA ALA A 29 12.31 8.67 16.93
C ALA A 29 11.62 9.67 15.99
N ALA A 30 12.38 10.65 15.52
CA ALA A 30 11.86 11.67 14.61
C ALA A 30 11.51 11.10 13.24
N LEU A 31 12.35 10.22 12.72
CA LEU A 31 12.12 9.60 11.41
C LEU A 31 10.87 8.69 11.43
N LEU A 32 10.74 7.88 12.48
CA LEU A 32 9.59 6.99 12.60
C LEU A 32 8.29 7.68 13.01
N SER A 33 8.40 8.76 13.79
CA SER A 33 7.25 9.60 14.08
C SER A 33 6.70 10.30 12.81
N SER A 34 7.60 10.76 11.94
CA SER A 34 7.22 11.40 10.68
C SER A 34 6.55 10.41 9.70
N LEU A 35 7.09 9.19 9.63
CA LEU A 35 6.47 8.13 8.82
C LEU A 35 5.07 7.78 9.30
N ASN A 36 4.91 7.64 10.62
CA ASN A 36 3.61 7.38 11.24
C ASN A 36 2.59 8.49 10.95
N GLU A 37 3.04 9.74 11.08
CA GLU A 37 2.22 10.91 10.75
C GLU A 37 1.88 10.95 9.26
N LEU A 38 2.83 10.56 8.42
CA LEU A 38 2.59 10.43 6.98
C LEU A 38 1.56 9.32 6.74
N GLY A 39 1.69 8.21 7.46
CA GLY A 39 0.73 7.12 7.40
C GLY A 39 -0.67 7.62 7.73
N GLU A 40 -0.79 8.42 8.75
CA GLU A 40 -2.04 8.97 9.12
C GLU A 40 -2.62 9.91 8.07
N ARG A 41 -1.80 10.76 7.52
CA ARG A 41 -2.21 11.69 6.51
C ARG A 41 -2.66 11.00 5.24
N GLN A 42 -1.90 10.00 4.90
CA GLN A 42 -2.17 9.13 3.82
C GLN A 42 -3.41 8.31 3.95
N LEU A 43 -3.72 7.88 5.14
CA LEU A 43 -4.89 7.09 5.37
C LEU A 43 -6.09 7.86 4.97
N VAL A 44 -6.08 9.13 5.27
CA VAL A 44 -7.20 9.97 5.01
C VAL A 44 -7.44 10.00 3.53
N HIS A 45 -6.38 10.10 2.75
CA HIS A 45 -6.49 10.12 1.29
C HIS A 45 -6.89 8.77 0.73
N VAL A 46 -6.39 7.69 1.30
CA VAL A 46 -6.76 6.33 0.90
C VAL A 46 -8.26 6.08 1.11
N VAL A 47 -8.82 6.57 2.22
CA VAL A 47 -10.25 6.42 2.50
C VAL A 47 -11.09 7.14 1.44
N LYS A 48 -10.80 8.42 1.22
CA LYS A 48 -11.51 9.23 0.22
C LYS A 48 -11.33 8.69 -1.20
N TRP A 49 -10.15 8.16 -1.51
CA TRP A 49 -9.88 7.52 -2.80
C TRP A 49 -10.73 6.25 -2.99
N ALA A 50 -10.65 5.35 -2.02
CA ALA A 50 -11.35 4.06 -2.07
C ALA A 50 -12.86 4.21 -2.19
N LYS A 51 -13.40 5.16 -1.45
CA LYS A 51 -14.84 5.46 -1.44
C LYS A 51 -15.36 6.02 -2.77
N ALA A 52 -14.46 6.55 -3.59
CA ALA A 52 -14.79 7.09 -4.91
C ALA A 52 -14.52 6.11 -6.06
N LEU A 53 -14.08 4.89 -5.75
CA LEU A 53 -13.82 3.89 -6.78
C LEU A 53 -15.10 3.38 -7.43
N PRO A 54 -15.06 3.04 -8.74
CA PRO A 54 -16.22 2.45 -9.40
C PRO A 54 -16.69 1.18 -8.69
N GLY A 55 -17.96 1.17 -8.29
CA GLY A 55 -18.62 0.01 -7.71
C GLY A 55 -18.33 -0.25 -6.24
N PHE A 56 -17.58 0.64 -5.62
CA PHE A 56 -17.12 0.41 -4.25
C PHE A 56 -18.27 0.38 -3.23
N ARG A 57 -19.34 1.11 -3.53
CA ARG A 57 -20.50 1.16 -2.63
C ARG A 57 -21.47 0.00 -2.81
N ASN A 58 -21.19 -0.87 -3.78
CA ASN A 58 -21.85 -2.18 -3.87
C ASN A 58 -21.52 -3.02 -2.63
N LEU A 59 -20.36 -2.78 -2.05
CA LEU A 59 -19.94 -3.47 -0.82
C LEU A 59 -20.78 -3.05 0.36
N HIS A 60 -20.97 -3.99 1.27
CA HIS A 60 -21.55 -3.69 2.57
C HIS A 60 -20.68 -2.62 3.25
N VAL A 61 -21.34 -1.68 3.91
CA VAL A 61 -20.67 -0.51 4.50
C VAL A 61 -19.58 -0.91 5.52
N ASP A 62 -19.78 -2.06 6.17
CA ASP A 62 -18.82 -2.57 7.14
C ASP A 62 -17.65 -3.29 6.48
N ASP A 63 -17.92 -3.84 5.29
CA ASP A 63 -16.88 -4.46 4.49
C ASP A 63 -16.02 -3.39 3.82
N GLN A 64 -16.63 -2.26 3.51
CA GLN A 64 -15.94 -1.10 2.96
C GLN A 64 -14.78 -0.67 3.84
N MET A 65 -15.04 -0.60 5.15
CA MET A 65 -14.04 -0.17 6.10
C MET A 65 -12.94 -1.21 6.30
N ALA A 66 -13.32 -2.48 6.42
CA ALA A 66 -12.39 -3.58 6.69
C ALA A 66 -11.34 -3.68 5.59
N VAL A 67 -11.83 -3.75 4.36
CA VAL A 67 -11.05 -3.82 3.15
C VAL A 67 -10.01 -2.71 3.07
N ILE A 68 -10.40 -1.48 3.40
CA ILE A 68 -9.50 -0.33 3.44
C ILE A 68 -8.42 -0.52 4.51
N GLN A 69 -8.85 -1.05 5.66
CA GLN A 69 -8.01 -1.20 6.84
C GLN A 69 -6.98 -2.33 6.71
N TYR A 70 -7.33 -3.40 5.99
CA TYR A 70 -6.40 -4.49 5.73
C TYR A 70 -5.42 -4.14 4.61
N SER A 71 -5.89 -3.37 3.63
CA SER A 71 -5.12 -3.05 2.43
C SER A 71 -4.21 -1.84 2.56
N TRP A 72 -4.56 -0.90 3.43
CA TRP A 72 -3.86 0.37 3.54
C TRP A 72 -2.33 0.30 3.43
N MET A 73 -1.70 -0.63 4.15
CA MET A 73 -0.24 -0.75 4.15
C MET A 73 0.29 -1.05 2.75
N GLY A 74 -0.32 -2.03 2.09
CA GLY A 74 0.11 -2.46 0.77
C GLY A 74 -0.17 -1.41 -0.28
N LEU A 75 -1.33 -0.77 -0.19
CA LEU A 75 -1.66 0.37 -1.03
C LEU A 75 -0.62 1.46 -0.96
N MET A 76 -0.17 1.79 0.27
CA MET A 76 0.76 2.89 0.49
C MET A 76 2.17 2.57 0.00
N VAL A 77 2.59 1.33 0.22
CA VAL A 77 3.91 0.84 -0.22
C VAL A 77 4.01 0.92 -1.73
N PHE A 78 2.97 0.42 -2.38
CA PHE A 78 2.88 0.33 -3.84
C PHE A 78 2.90 1.70 -4.48
N ALA A 79 2.08 2.62 -3.95
CA ALA A 79 2.08 4.00 -4.43
C ALA A 79 3.42 4.67 -4.16
N MET A 80 4.01 4.39 -2.98
CA MET A 80 5.32 4.94 -2.63
C MET A 80 6.41 4.44 -3.56
N GLY A 81 6.36 3.15 -3.93
CA GLY A 81 7.27 2.57 -4.91
C GLY A 81 7.18 3.27 -6.26
N TRP A 82 5.95 3.60 -6.65
CA TRP A 82 5.69 4.33 -7.89
C TRP A 82 6.32 5.72 -7.86
N ARG A 83 5.97 6.51 -6.84
CA ARG A 83 6.56 7.82 -6.59
C ARG A 83 8.07 7.79 -6.68
N SER A 84 8.68 6.78 -6.06
CA SER A 84 10.12 6.61 -6.04
C SER A 84 10.65 6.34 -7.45
N PHE A 85 9.91 5.56 -8.22
CA PHE A 85 10.24 5.28 -9.61
C PHE A 85 10.19 6.55 -10.46
N THR A 86 9.08 7.29 -10.40
CA THR A 86 8.89 8.45 -11.28
C THR A 86 9.66 9.70 -10.85
N ASN A 87 9.90 9.87 -9.55
CA ASN A 87 10.57 11.08 -9.04
C ASN A 87 12.11 10.99 -9.00
N VAL A 88 12.64 9.83 -8.59
CA VAL A 88 14.09 9.65 -8.45
C VAL A 88 14.59 8.32 -9.04
N ASN A 89 13.82 7.74 -9.96
CA ASN A 89 14.18 6.50 -10.64
C ASN A 89 14.60 5.39 -9.67
N SER A 90 13.89 5.31 -8.54
CA SER A 90 14.08 4.29 -7.51
C SER A 90 15.45 4.33 -6.79
N ARG A 91 16.21 5.41 -6.97
CA ARG A 91 17.52 5.56 -6.31
C ARG A 91 17.38 5.72 -4.80
N MET A 92 16.23 6.27 -4.38
CA MET A 92 15.88 6.45 -2.98
C MET A 92 14.38 6.25 -2.81
N LEU A 93 13.91 6.12 -1.57
CA LEU A 93 12.49 5.98 -1.30
C LEU A 93 11.83 7.33 -1.06
N TYR A 94 11.01 7.74 -2.01
CA TYR A 94 10.28 9.01 -1.96
C TYR A 94 8.98 8.86 -1.19
N PHE A 95 9.08 8.69 0.13
CA PHE A 95 7.91 8.60 1.00
C PHE A 95 7.02 9.84 0.83
N ALA A 96 7.64 11.02 0.87
CA ALA A 96 7.01 12.31 0.65
C ALA A 96 8.10 13.29 0.23
N PRO A 97 7.72 14.45 -0.38
CA PRO A 97 8.76 15.40 -0.82
C PRO A 97 9.67 15.84 0.32
N ASP A 98 9.11 15.91 1.53
CA ASP A 98 9.87 16.27 2.73
C ASP A 98 10.33 15.04 3.53
N LEU A 99 10.20 13.85 2.94
CA LEU A 99 10.68 12.63 3.59
C LEU A 99 11.17 11.64 2.55
N VAL A 100 12.40 11.87 2.10
CA VAL A 100 13.07 10.97 1.16
C VAL A 100 14.15 10.20 1.91
N PHE A 101 14.14 8.89 1.74
CA PHE A 101 15.07 8.01 2.42
C PHE A 101 16.26 7.65 1.53
N ASN A 102 17.43 8.12 1.92
CA ASN A 102 18.69 7.57 1.43
C ASN A 102 19.07 6.35 2.29
N GLU A 103 20.19 5.72 2.01
CA GLU A 103 20.63 4.54 2.75
C GLU A 103 20.96 4.82 4.22
N TYR A 104 21.45 6.03 4.48
CA TYR A 104 21.66 6.43 5.88
C TYR A 104 20.36 6.40 6.68
N ARG A 105 19.27 6.90 6.08
CA ARG A 105 17.98 6.97 6.75
C ARG A 105 17.34 5.58 6.82
N MET A 106 17.55 4.78 5.78
CA MET A 106 17.16 3.38 5.78
C MET A 106 17.77 2.65 6.98
N HIS A 107 19.05 2.94 7.25
CA HIS A 107 19.77 2.33 8.36
C HIS A 107 19.37 2.93 9.72
N LYS A 108 19.17 4.24 9.76
CA LYS A 108 18.81 4.93 11.00
C LYS A 108 17.38 4.61 11.46
N SER A 109 16.53 4.24 10.51
CA SER A 109 15.13 3.91 10.78
C SER A 109 14.96 2.49 11.33
N ARG A 110 16.05 1.72 11.36
CA ARG A 110 16.06 0.33 11.86
C ARG A 110 15.14 -0.60 11.04
N MET A 111 14.76 -0.15 9.85
CA MET A 111 14.00 -0.98 8.92
C MET A 111 14.65 -0.99 7.53
N TYR A 112 15.98 -1.10 7.54
CA TYR A 112 16.79 -1.22 6.34
C TYR A 112 16.28 -2.33 5.41
N SER A 113 16.10 -3.54 5.94
CA SER A 113 15.69 -4.69 5.14
C SER A 113 14.35 -4.47 4.44
N GLN A 114 13.37 -3.99 5.20
CA GLN A 114 12.05 -3.64 4.65
C GLN A 114 12.20 -2.57 3.56
N CYS A 115 13.02 -1.55 3.82
CA CYS A 115 13.32 -0.51 2.83
C CYS A 115 13.95 -1.06 1.57
N VAL A 116 14.92 -1.96 1.73
CA VAL A 116 15.57 -2.65 0.61
C VAL A 116 14.55 -3.31 -0.33
N ARG A 117 13.65 -4.11 0.24
CA ARG A 117 12.58 -4.76 -0.52
C ARG A 117 11.64 -3.76 -1.21
N MET A 118 11.18 -2.75 -0.46
CA MET A 118 10.37 -1.67 -1.03
C MET A 118 11.03 -1.00 -2.24
N ARG A 119 12.33 -0.76 -2.13
CA ARG A 119 13.09 -0.16 -3.22
C ARG A 119 13.25 -1.13 -4.40
N HIS A 120 13.38 -2.42 -4.10
CA HIS A 120 13.38 -3.46 -5.11
C HIS A 120 12.04 -3.47 -5.85
N LEU A 121 10.94 -3.34 -5.09
CA LEU A 121 9.61 -3.17 -5.67
C LEU A 121 9.55 -1.98 -6.63
N SER A 122 10.14 -0.87 -6.20
CA SER A 122 10.20 0.35 -7.00
C SER A 122 10.98 0.16 -8.31
N GLN A 123 12.06 -0.62 -8.24
CA GLN A 123 12.88 -0.88 -9.42
C GLN A 123 12.11 -1.67 -10.47
N GLU A 124 11.26 -2.58 -10.00
CA GLU A 124 10.38 -3.36 -10.88
C GLU A 124 9.48 -2.52 -11.77
N PHE A 125 9.04 -1.36 -11.29
CA PHE A 125 8.25 -0.45 -12.14
C PHE A 125 9.06 -0.09 -13.39
N GLY A 126 10.36 0.10 -13.21
CA GLY A 126 11.28 0.40 -14.31
C GLY A 126 11.67 -0.82 -15.13
N TRP A 127 12.02 -1.91 -14.46
CA TRP A 127 12.39 -3.15 -15.13
C TRP A 127 11.27 -3.66 -16.03
N LEU A 128 10.06 -3.77 -15.48
CA LEU A 128 8.89 -4.25 -16.24
C LEU A 128 8.23 -3.19 -17.15
N GLN A 129 8.75 -1.97 -17.12
CA GLN A 129 8.21 -0.85 -17.93
C GLN A 129 6.71 -0.63 -17.68
N ILE A 130 6.35 -0.57 -16.41
CA ILE A 130 4.95 -0.36 -16.00
C ILE A 130 4.42 1.00 -16.46
N THR A 131 3.29 0.98 -17.14
CA THR A 131 2.64 2.21 -17.59
C THR A 131 1.85 2.80 -16.42
N PRO A 132 1.68 4.13 -16.39
CA PRO A 132 0.84 4.77 -15.38
C PRO A 132 -0.56 4.15 -15.32
N GLN A 133 -1.07 3.70 -16.46
CA GLN A 133 -2.40 3.12 -16.53
C GLN A 133 -2.44 1.72 -15.89
N GLU A 134 -1.39 0.92 -16.14
CA GLU A 134 -1.23 -0.36 -15.48
C GLU A 134 -1.11 -0.16 -13.98
N PHE A 135 -0.28 0.80 -13.57
CA PHE A 135 -0.11 1.15 -12.16
C PHE A 135 -1.46 1.47 -11.51
N LEU A 136 -2.26 2.30 -12.17
CA LEU A 136 -3.54 2.74 -11.62
C LEU A 136 -4.50 1.57 -11.36
N CYS A 137 -4.65 0.69 -12.35
N CYS A 137 -4.64 0.71 -12.37
CA CYS A 137 -5.54 -0.46 -12.20
CA CYS A 137 -5.49 -0.48 -12.28
C CYS A 137 -4.98 -1.54 -11.26
C CYS A 137 -4.97 -1.48 -11.25
N MET A 138 -3.66 -1.68 -11.22
CA MET A 138 -3.04 -2.59 -10.26
C MET A 138 -3.29 -2.13 -8.82
N LYS A 139 -3.14 -0.84 -8.58
CA LYS A 139 -3.36 -0.25 -7.26
C LYS A 139 -4.81 -0.38 -6.80
N ALA A 140 -5.75 -0.13 -7.71
CA ALA A 140 -7.17 -0.37 -7.43
C ALA A 140 -7.42 -1.83 -7.03
N LEU A 141 -6.82 -2.76 -7.77
CA LEU A 141 -6.95 -4.20 -7.50
C LEU A 141 -6.34 -4.60 -6.15
N LEU A 142 -5.28 -3.91 -5.73
CA LEU A 142 -4.68 -4.12 -4.41
C LEU A 142 -5.66 -3.94 -3.25
N LEU A 143 -6.53 -2.93 -3.35
CA LEU A 143 -7.54 -2.70 -2.31
C LEU A 143 -8.38 -3.94 -2.06
N PHE A 144 -8.64 -4.72 -3.11
CA PHE A 144 -9.46 -5.93 -3.01
C PHE A 144 -8.66 -7.21 -3.02
N SER A 145 -7.49 -7.18 -2.38
CA SER A 145 -6.60 -8.35 -2.41
C SER A 145 -6.30 -8.93 -1.04
N ILE A 146 -7.08 -8.55 -0.02
CA ILE A 146 -6.90 -9.10 1.33
C ILE A 146 -8.21 -9.14 2.13
N ILE A 147 -8.55 -10.33 2.61
CA ILE A 147 -9.85 -10.60 3.24
C ILE A 147 -9.73 -11.61 4.40
N PRO A 148 -10.67 -11.59 5.35
CA PRO A 148 -10.67 -12.59 6.42
C PRO A 148 -10.93 -13.99 5.88
N VAL A 149 -10.29 -14.98 6.51
CA VAL A 149 -10.48 -16.39 6.17
C VAL A 149 -11.95 -16.81 6.37
N ASP A 150 -12.61 -16.19 7.36
CA ASP A 150 -14.04 -16.43 7.64
C ASP A 150 -14.98 -15.64 6.70
N GLY A 151 -14.41 -14.95 5.72
CA GLY A 151 -15.20 -14.20 4.75
C GLY A 151 -15.82 -12.91 5.29
N LEU A 152 -16.22 -12.04 4.36
CA LEU A 152 -16.82 -10.77 4.70
C LEU A 152 -18.33 -10.92 4.97
N LYS A 153 -18.99 -9.82 5.35
CA LYS A 153 -20.42 -9.84 5.65
C LYS A 153 -21.23 -10.14 4.39
N ASN A 154 -20.86 -9.50 3.28
CA ASN A 154 -21.39 -9.87 1.99
C ASN A 154 -20.25 -10.17 1.00
N GLN A 155 -19.79 -11.41 1.05
CA GLN A 155 -18.66 -11.87 0.22
C GLN A 155 -18.96 -11.87 -1.28
N LYS A 156 -20.20 -12.17 -1.65
CA LYS A 156 -20.60 -12.22 -3.07
C LYS A 156 -20.33 -10.92 -3.83
N PHE A 157 -20.59 -9.79 -3.18
CA PHE A 157 -20.40 -8.47 -3.80
C PHE A 157 -18.92 -8.12 -3.93
N PHE A 158 -18.12 -8.56 -2.96
CA PHE A 158 -16.67 -8.44 -3.04
C PHE A 158 -16.10 -9.23 -4.22
N ASP A 159 -16.51 -10.50 -4.32
CA ASP A 159 -16.07 -11.41 -5.36
C ASP A 159 -16.33 -10.88 -6.76
N GLU A 160 -17.49 -10.25 -6.93
CA GLU A 160 -17.88 -9.65 -8.20
C GLU A 160 -17.06 -8.39 -8.49
N LEU A 161 -16.94 -7.52 -7.49
CA LEU A 161 -16.15 -6.31 -7.61
C LEU A 161 -14.68 -6.61 -7.92
N ARG A 162 -14.10 -7.62 -7.26
CA ARG A 162 -12.73 -8.04 -7.54
C ARG A 162 -12.61 -8.61 -8.95
N MET A 163 -13.56 -9.45 -9.35
CA MET A 163 -13.60 -10.02 -10.70
C MET A 163 -13.55 -8.93 -11.76
N ASN A 164 -14.36 -7.90 -11.57
CA ASN A 164 -14.43 -6.77 -12.50
C ASN A 164 -13.14 -5.95 -12.60
N TYR A 165 -12.41 -5.83 -11.49
CA TYR A 165 -11.13 -5.12 -11.49
C TYR A 165 -10.04 -5.89 -12.23
N ILE A 166 -10.02 -7.21 -12.08
CA ILE A 166 -9.17 -8.09 -12.87
C ILE A 166 -9.50 -7.97 -14.36
N LYS A 167 -10.79 -7.90 -14.70
CA LYS A 167 -11.22 -7.71 -16.08
C LYS A 167 -10.71 -6.39 -16.65
N GLU A 168 -10.76 -5.33 -15.86
CA GLU A 168 -10.22 -4.02 -16.25
C GLU A 168 -8.72 -4.06 -16.49
N LEU A 169 -7.99 -4.73 -15.60
CA LEU A 169 -6.56 -4.97 -15.79
C LEU A 169 -6.31 -5.72 -17.11
N ASP A 170 -7.14 -6.72 -17.39
CA ASP A 170 -7.09 -7.46 -18.67
C ASP A 170 -7.20 -6.53 -19.87
N ARG A 171 -8.10 -5.56 -19.77
CA ARG A 171 -8.40 -4.65 -20.87
C ARG A 171 -7.27 -3.69 -21.24
N ILE A 172 -6.58 -3.14 -20.25
CA ILE A 172 -5.50 -2.18 -20.54
C ILE A 172 -4.24 -2.91 -21.01
N ILE A 173 -4.15 -4.19 -20.65
CA ILE A 173 -3.19 -5.11 -21.27
C ILE A 173 -3.58 -5.35 -22.74
N ALA A 174 -4.86 -5.69 -22.97
CA ALA A 174 -5.36 -5.95 -24.31
C ALA A 174 -5.65 -4.66 -25.08
N PRO A 180 -1.70 -12.72 -28.35
CA PRO A 180 -2.22 -13.43 -27.18
C PRO A 180 -1.11 -13.95 -26.26
N THR A 181 0.04 -14.27 -26.84
CA THR A 181 1.21 -14.72 -26.07
C THR A 181 1.90 -13.52 -25.39
N SER A 182 1.71 -12.33 -25.96
CA SER A 182 2.21 -11.07 -25.39
C SER A 182 1.38 -10.68 -24.17
N CYS A 183 0.07 -10.87 -24.26
CA CYS A 183 -0.85 -10.52 -23.19
C CYS A 183 -0.76 -11.48 -22.02
N SER A 184 -0.72 -12.77 -22.32
CA SER A 184 -0.52 -13.82 -21.33
C SER A 184 0.80 -13.66 -20.59
N ARG A 185 1.84 -13.22 -21.30
CA ARG A 185 3.13 -12.90 -20.66
C ARG A 185 2.99 -11.68 -19.76
N ARG A 186 2.33 -10.64 -20.27
CA ARG A 186 2.14 -9.40 -19.53
C ARG A 186 1.32 -9.61 -18.25
N PHE A 187 0.20 -10.32 -18.38
CA PHE A 187 -0.67 -10.63 -17.23
C PHE A 187 0.07 -11.43 -16.17
N TYR A 188 0.87 -12.40 -16.61
CA TYR A 188 1.71 -13.18 -15.71
C TYR A 188 2.62 -12.26 -14.89
N GLN A 189 3.32 -11.34 -15.58
CA GLN A 189 4.27 -10.42 -14.96
C GLN A 189 3.62 -9.49 -13.95
N LEU A 190 2.46 -8.94 -14.31
CA LEU A 190 1.75 -8.00 -13.46
C LEU A 190 1.21 -8.67 -12.20
N THR A 191 0.61 -9.85 -12.36
CA THR A 191 0.08 -10.62 -11.23
C THR A 191 1.19 -11.08 -10.28
N LYS A 192 2.35 -11.43 -10.84
CA LYS A 192 3.54 -11.73 -10.05
C LYS A 192 4.01 -10.48 -9.30
N LEU A 193 3.92 -9.33 -9.95
CA LEU A 193 4.22 -8.07 -9.29
C LEU A 193 3.23 -7.75 -8.17
N LEU A 194 1.94 -7.94 -8.43
CA LEU A 194 0.90 -7.73 -7.41
C LEU A 194 1.07 -8.65 -6.21
N ASP A 195 1.41 -9.92 -6.46
CA ASP A 195 1.71 -10.89 -5.39
C ASP A 195 2.89 -10.47 -4.52
N SER A 196 3.92 -9.89 -5.13
CA SER A 196 5.14 -9.50 -4.42
C SER A 196 4.96 -8.38 -3.40
N VAL A 197 3.87 -7.61 -3.53
CA VAL A 197 3.56 -6.54 -2.58
C VAL A 197 3.20 -7.11 -1.20
N GLN A 198 2.57 -8.28 -1.20
CA GLN A 198 2.01 -8.84 0.03
C GLN A 198 3.05 -9.25 1.11
N PRO A 199 4.14 -9.95 0.72
CA PRO A 199 5.17 -10.28 1.72
C PRO A 199 5.85 -9.04 2.29
N ILE A 200 6.00 -8.02 1.46
CA ILE A 200 6.55 -6.72 1.86
C ILE A 200 5.66 -6.02 2.88
N ALA A 201 4.35 -5.98 2.61
CA ALA A 201 3.37 -5.39 3.52
C ALA A 201 3.33 -6.12 4.86
N ARG A 202 3.53 -7.44 4.81
CA ARG A 202 3.56 -8.26 6.02
C ARG A 202 4.74 -7.90 6.92
N GLU A 203 5.91 -7.70 6.32
CA GLU A 203 7.10 -7.28 7.05
C GLU A 203 6.91 -5.92 7.71
N LEU A 204 6.26 -5.00 6.99
CA LEU A 204 5.92 -3.70 7.56
C LEU A 204 4.83 -3.80 8.61
N HIS A 205 3.89 -4.73 8.43
CA HIS A 205 2.89 -5.01 9.46
C HIS A 205 3.53 -5.46 10.76
N GLN A 206 4.49 -6.37 10.67
CA GLN A 206 5.22 -6.82 11.86
C GLN A 206 6.04 -5.72 12.51
N PHE A 207 6.85 -5.03 11.70
CA PHE A 207 7.67 -3.93 12.20
C PHE A 207 6.84 -2.85 12.90
N THR A 208 5.77 -2.40 12.24
CA THR A 208 4.94 -1.34 12.80
C THR A 208 4.21 -1.79 14.06
N PHE A 209 3.83 -3.07 14.11
CA PHE A 209 3.18 -3.64 15.29
C PHE A 209 4.12 -3.68 16.49
N ASP A 210 5.28 -4.31 16.33
CA ASP A 210 6.32 -4.35 17.37
C ASP A 210 6.65 -2.94 17.88
N LEU A 211 6.80 -2.01 16.93
CA LEU A 211 7.09 -0.61 17.24
C LEU A 211 5.98 0.06 18.07
N LEU A 212 4.71 -0.20 17.72
CA LEU A 212 3.59 0.33 18.50
C LEU A 212 3.64 -0.17 19.95
N ILE A 213 3.87 -1.46 20.13
CA ILE A 213 3.96 -2.08 21.44
C ILE A 213 5.07 -1.46 22.30
N LYS A 214 6.23 -1.19 21.68
CA LYS A 214 7.35 -0.59 22.41
C LYS A 214 7.49 0.92 22.20
N SER A 215 6.43 1.57 21.70
CA SER A 215 6.48 2.99 21.33
C SER A 215 6.92 3.94 22.43
N HIS A 216 6.44 3.73 23.66
N HIS A 216 6.45 3.69 23.66
CA HIS A 216 6.78 4.61 24.78
CA HIS A 216 6.81 4.47 24.84
C HIS A 216 8.26 4.48 25.17
C HIS A 216 8.28 4.25 25.23
N MET A 217 8.77 3.26 25.16
N MET A 217 8.78 3.06 24.93
CA MET A 217 10.18 3.00 25.40
CA MET A 217 10.15 2.68 25.25
C MET A 217 11.08 3.80 24.45
C MET A 217 11.17 3.35 24.30
N VAL A 218 10.66 3.89 23.18
CA VAL A 218 11.49 4.51 22.14
C VAL A 218 11.12 5.96 21.77
N SER A 219 10.10 6.50 22.43
CA SER A 219 9.64 7.88 22.18
C SER A 219 9.14 8.08 20.75
N VAL A 220 8.41 7.09 20.23
CA VAL A 220 7.81 7.17 18.89
C VAL A 220 6.30 7.37 19.01
N ASP A 221 5.80 8.47 18.43
CA ASP A 221 4.39 8.83 18.48
C ASP A 221 3.56 8.16 17.40
N PHE A 222 2.46 7.52 17.83
CA PHE A 222 1.50 6.91 16.91
C PHE A 222 0.19 7.69 16.94
N PRO A 223 -0.17 8.31 15.81
CA PRO A 223 -1.43 9.05 15.68
C PRO A 223 -2.66 8.14 15.85
N GLU A 224 -3.76 8.75 16.26
CA GLU A 224 -5.01 8.06 16.63
C GLU A 224 -5.45 6.93 15.69
N MET A 225 -5.64 7.24 14.41
CA MET A 225 -6.10 6.25 13.41
C MET A 225 -5.05 5.15 13.16
N MET A 226 -3.77 5.54 13.21
N MET A 226 -3.78 5.54 13.23
CA MET A 226 -2.66 4.60 13.05
CA MET A 226 -2.65 4.62 13.06
C MET A 226 -2.68 3.55 14.17
C MET A 226 -2.65 3.56 14.16
N ALA A 227 -2.65 4.03 15.42
CA ALA A 227 -2.61 3.16 16.59
C ALA A 227 -3.81 2.21 16.69
N GLU A 228 -4.97 2.65 16.20
CA GLU A 228 -6.19 1.85 16.24
C GLU A 228 -6.13 0.67 15.27
N ILE A 229 -5.80 0.93 14.01
CA ILE A 229 -5.68 -0.10 12.97
C ILE A 229 -4.60 -1.12 13.33
N ILE A 230 -3.43 -0.60 13.72
CA ILE A 230 -2.27 -1.42 14.00
C ILE A 230 -2.51 -2.38 15.17
N SER A 231 -3.36 -1.97 16.11
CA SER A 231 -3.63 -2.77 17.31
C SER A 231 -4.92 -3.59 17.23
N VAL A 232 -5.83 -3.19 16.34
CA VAL A 232 -7.12 -3.89 16.20
C VAL A 232 -7.17 -4.76 14.94
N GLN A 233 -6.67 -4.24 13.82
CA GLN A 233 -6.83 -4.92 12.52
C GLN A 233 -5.58 -5.68 12.06
N VAL A 234 -4.41 -5.09 12.26
CA VAL A 234 -3.14 -5.72 11.88
C VAL A 234 -2.86 -7.05 12.61
N PRO A 235 -3.20 -7.15 13.92
CA PRO A 235 -3.03 -8.47 14.56
C PRO A 235 -3.94 -9.55 13.96
N LYS A 236 -5.06 -9.16 13.38
CA LYS A 236 -5.93 -10.11 12.68
C LYS A 236 -5.20 -10.70 11.50
N ILE A 237 -4.38 -9.88 10.84
CA ILE A 237 -3.58 -10.33 9.72
C ILE A 237 -2.45 -11.22 10.22
N LEU A 238 -1.70 -10.71 11.21
CA LEU A 238 -0.50 -11.38 11.71
C LEU A 238 -0.77 -12.74 12.36
N SER A 239 -1.96 -12.90 12.94
CA SER A 239 -2.35 -14.15 13.57
C SER A 239 -2.98 -15.14 12.59
N GLY A 240 -3.05 -14.75 11.32
CA GLY A 240 -3.52 -15.63 10.23
C GLY A 240 -5.03 -15.64 10.00
N LYS A 241 -5.76 -14.73 10.61
CA LYS A 241 -7.21 -14.69 10.49
C LYS A 241 -7.61 -13.95 9.24
N VAL A 242 -6.72 -13.07 8.79
CA VAL A 242 -6.91 -12.25 7.60
C VAL A 242 -5.71 -12.49 6.68
N LYS A 243 -6.00 -12.86 5.44
CA LYS A 243 -4.99 -13.35 4.52
C LYS A 243 -5.08 -12.68 3.16
N PRO A 244 -3.91 -12.47 2.52
CA PRO A 244 -3.85 -11.99 1.14
C PRO A 244 -4.54 -12.95 0.16
N ILE A 245 -5.11 -12.40 -0.91
CA ILE A 245 -5.51 -13.20 -2.04
C ILE A 245 -4.33 -13.19 -3.01
N TYR A 246 -3.77 -14.37 -3.27
CA TYR A 246 -2.64 -14.48 -4.17
C TYR A 246 -3.08 -15.03 -5.53
N PHE A 247 -2.48 -14.51 -6.59
CA PHE A 247 -2.70 -15.06 -7.92
C PHE A 247 -1.96 -16.38 -8.06
N HIS A 248 -0.71 -16.41 -7.62
CA HIS A 248 0.14 -17.58 -7.75
C HIS A 248 0.36 -18.19 -6.39
N THR A 249 0.71 -19.48 -6.37
CA THR A 249 1.02 -20.17 -5.13
C THR A 249 2.40 -19.72 -4.63
N GLN A 250 2.47 -19.40 -3.34
CA GLN A 250 3.67 -18.81 -2.73
C GLN A 250 4.65 -19.87 -2.26
C12 9FG B . 4.41 5.45 2.69
C11 9FG B . 4.45 3.82 8.10
C10 9FG B . 4.67 3.65 9.47
C9 9FG B . 5.78 2.92 9.89
N2 9FG B . 4.18 6.29 1.93
C8 9FG B . 6.65 2.35 8.96
C7 9FG B . 6.41 2.54 7.58
N1 9FG B . 4.80 4.66 5.02
C1 9FG B . 4.62 5.97 5.62
C5 9FG B . 5.09 3.46 5.68
C6 9FG B . 5.29 3.28 7.13
C4 9FG B . 5.17 2.50 4.67
C3 9FG B . 4.92 3.11 3.43
C2 9FG B . 4.70 4.45 3.67
F1 9FG B . 3.37 4.53 7.76
O1 9FG B . 6.03 2.73 11.22
#